data_3W2J
#
_entry.id   3W2J
#
_cell.length_a   68.097
_cell.length_b   71.817
_cell.length_c   129.201
_cell.angle_alpha   90.00
_cell.angle_beta   90.00
_cell.angle_gamma   90.00
#
_symmetry.space_group_name_H-M   'P 21 21 21'
#
loop_
_entity.id
_entity.type
_entity.pdbx_description
1 polymer 'Dihydroorotate dehydrogenase (fumarate)'
2 non-polymer '5-[2-(3,4-difluorophenyl)ethyl]-2,6-dioxo-1,2,3,6-tetrahydropyrimidine-4-carboxylic acid'
3 non-polymer GLYCEROL
4 non-polymer 'FLAVIN MONONUCLEOTIDE'
5 non-polymer 'COBALT HEXAMMINE(III)'
6 water water
#
_entity_poly.entity_id   1
_entity_poly.type   'polypeptide(L)'
_entity_poly.pdbx_seq_one_letter_code
;MCLKLNLLDHVFANPFMNAAGVLCSTEEDLRCMTASSSGALVSKSCTSAPRDGNPEPRYMAFPLGSINSMGLPNLGFDFY
LKYASDLHDYSKKPLFLSISGLSVEENVAMVRRLAPVAQEKGVLLELNLSCPNVPGKPQVAYDFEAMRTYLQQVSLAYGL
PFGVKMPPYFDIAHFDTAAAVLNEFPLVKFVTCVNSVGNGLVIDAESESVVIKPKQGFGGLGGKYILPTALANVNAFYRR
CPDKLVFGCGGVYSGEDAFLHILAGASMVQVGTALQEEGPGIFTRLEDELLEIMARKGYRTLEEFRGRVKTIE
;
_entity_poly.pdbx_strand_id   A,B
#
# COMPACT_ATOMS: atom_id res chain seq x y z
N MET A 1 -11.65 -30.90 16.99
CA MET A 1 -11.13 -29.70 16.35
C MET A 1 -9.80 -29.91 15.63
N CYS A 2 -9.67 -29.43 14.39
CA CYS A 2 -8.41 -29.64 13.69
C CYS A 2 -8.10 -28.64 12.59
N LEU A 3 -6.81 -28.49 12.42
CA LEU A 3 -6.23 -27.56 11.48
C LEU A 3 -5.80 -28.21 10.18
N LYS A 4 -6.11 -29.49 10.00
CA LYS A 4 -5.69 -30.23 8.84
C LYS A 4 -6.28 -29.69 7.55
N LEU A 5 -5.47 -29.72 6.51
CA LEU A 5 -5.92 -29.44 5.13
C LEU A 5 -5.39 -30.49 4.19
N ASN A 6 -6.12 -30.75 3.15
CA ASN A 6 -5.72 -31.63 2.08
C ASN A 6 -5.95 -30.82 0.83
N LEU A 7 -4.88 -30.42 0.20
CA LEU A 7 -4.96 -29.70 -1.05
C LEU A 7 -3.75 -29.92 -1.94
N LEU A 8 -3.95 -29.69 -3.22
CA LEU A 8 -2.87 -29.92 -4.18
C LEU A 8 -2.30 -31.35 -4.10
N ASP A 9 -3.17 -32.28 -3.75
CA ASP A 9 -2.73 -33.66 -3.62
C ASP A 9 -1.70 -33.91 -2.55
N HIS A 10 -1.71 -33.01 -1.54
CA HIS A 10 -0.90 -33.14 -0.34
C HIS A 10 -1.66 -32.98 0.94
N VAL A 11 -1.16 -33.43 2.05
CA VAL A 11 -1.80 -33.34 3.32
C VAL A 11 -0.87 -32.42 4.18
N PHE A 12 -1.55 -31.48 4.84
CA PHE A 12 -0.93 -30.47 5.69
C PHE A 12 -1.46 -30.57 7.07
N ALA A 13 -0.60 -30.59 8.09
CA ALA A 13 -1.03 -30.70 9.48
C ALA A 13 -1.80 -29.46 9.94
N ASN A 14 -1.42 -28.27 9.36
CA ASN A 14 -2.02 -27.01 9.68
C ASN A 14 -1.70 -26.09 8.50
N PRO A 15 -2.32 -24.92 8.48
CA PRO A 15 -2.15 -24.04 7.27
C PRO A 15 -0.89 -23.16 7.29
N PHE A 16 -0.14 -23.23 8.32
CA PHE A 16 1.00 -22.22 8.50
C PHE A 16 2.22 -22.68 7.81
N MET A 17 2.92 -21.70 7.20
CA MET A 17 4.23 -21.88 6.59
C MET A 17 5.01 -20.60 6.64
N ASN A 18 6.30 -20.68 6.40
CA ASN A 18 7.06 -19.41 6.22
C ASN A 18 6.62 -18.77 4.98
N ALA A 19 6.79 -17.44 4.85
CA ALA A 19 6.77 -16.68 3.63
C ALA A 19 8.08 -16.79 2.88
N ALA A 20 8.12 -16.88 1.57
CA ALA A 20 9.35 -17.01 0.86
C ALA A 20 10.26 -15.87 1.26
N GLY A 21 11.54 -16.17 1.44
CA GLY A 21 12.58 -15.28 1.84
C GLY A 21 12.91 -15.29 3.29
N VAL A 22 12.00 -15.76 4.15
CA VAL A 22 12.28 -15.75 5.60
C VAL A 22 12.57 -17.19 6.01
N LEU A 23 13.69 -17.37 6.70
CA LEU A 23 14.09 -18.66 7.26
C LEU A 23 14.11 -19.82 6.26
N CYS A 24 14.70 -19.54 5.13
CA CYS A 24 14.65 -20.49 4.05
C CYS A 24 15.72 -20.42 2.97
N SER A 25 16.80 -19.75 3.29
CA SER A 25 17.85 -19.54 2.29
C SER A 25 18.94 -20.63 2.24
N THR A 26 19.28 -21.19 3.38
CA THR A 26 20.36 -22.17 3.54
C THR A 26 19.81 -23.53 3.94
N GLU A 27 20.64 -24.56 3.83
CA GLU A 27 20.22 -25.87 4.25
C GLU A 27 19.86 -25.84 5.74
N GLU A 28 20.62 -25.12 6.53
CA GLU A 28 20.31 -24.96 7.93
C GLU A 28 18.91 -24.34 8.14
N ASP A 29 18.61 -23.31 7.36
CA ASP A 29 17.31 -22.68 7.46
C ASP A 29 16.18 -23.67 7.16
N LEU A 30 16.35 -24.42 6.05
CA LEU A 30 15.31 -25.35 5.61
C LEU A 30 15.13 -26.51 6.55
N ARG A 31 16.23 -26.97 7.15
CA ARG A 31 16.14 -27.97 8.20
C ARG A 31 15.43 -27.44 9.42
N CYS A 32 15.64 -26.17 9.80
CA CYS A 32 14.93 -25.52 10.90
C CYS A 32 13.46 -25.42 10.63
N MET A 33 13.12 -24.91 9.44
CA MET A 33 11.70 -24.91 9.05
C MET A 33 11.05 -26.28 9.10
N THR A 34 11.78 -27.28 8.63
CA THR A 34 11.22 -28.64 8.62
C THR A 34 11.00 -29.13 10.02
N ALA A 35 11.93 -28.86 10.99
CA ALA A 35 11.82 -29.23 12.37
C ALA A 35 10.70 -28.52 13.11
N SER A 36 10.30 -27.37 12.66
CA SER A 36 9.27 -26.53 13.30
C SER A 36 7.89 -27.19 13.20
N SER A 37 6.90 -26.59 13.88
CA SER A 37 5.51 -27.08 13.83
C SER A 37 4.81 -26.57 12.64
N SER A 38 5.42 -25.85 11.71
CA SER A 38 4.67 -25.41 10.53
C SER A 38 4.07 -26.55 9.74
N GLY A 39 3.03 -26.29 9.02
CA GLY A 39 2.42 -27.25 8.14
C GLY A 39 3.13 -27.46 6.83
N ALA A 40 3.94 -26.50 6.40
CA ALA A 40 4.72 -26.62 5.20
C ALA A 40 5.88 -25.63 5.27
N LEU A 41 6.71 -25.63 4.24
CA LEU A 41 7.78 -24.63 4.07
C LEU A 41 7.96 -24.31 2.65
N VAL A 42 8.49 -23.12 2.37
CA VAL A 42 8.87 -22.68 0.99
C VAL A 42 10.30 -22.22 1.06
N SER A 43 11.06 -22.61 0.02
CA SER A 43 12.45 -22.13 -0.14
C SER A 43 12.58 -20.81 -0.65
N LYS A 44 13.70 -20.09 -0.37
CA LYS A 44 14.03 -18.79 -0.84
C LYS A 44 13.90 -18.67 -2.36
N SER A 45 13.28 -17.62 -2.81
CA SER A 45 13.15 -17.42 -4.27
C SER A 45 14.57 -17.43 -4.86
N CYS A 46 14.73 -18.22 -5.93
CA CYS A 46 16.05 -18.41 -6.51
C CYS A 46 16.15 -17.93 -7.94
N THR A 47 17.42 -17.72 -8.29
CA THR A 47 17.90 -17.47 -9.66
C THR A 47 18.73 -18.65 -10.10
N SER A 48 19.06 -18.62 -11.39
CA SER A 48 19.92 -19.68 -11.97
C SER A 48 21.26 -19.74 -11.30
N ALA A 49 21.84 -18.56 -11.13
CA ALA A 49 23.14 -18.45 -10.45
C ALA A 49 22.99 -17.95 -9.01
N PRO A 50 23.89 -18.32 -8.13
CA PRO A 50 23.93 -17.74 -6.76
C PRO A 50 24.03 -16.24 -6.84
N ARG A 51 23.44 -15.53 -5.86
CA ARG A 51 23.50 -14.07 -5.71
C ARG A 51 23.88 -13.73 -4.29
N ASP A 52 24.75 -12.70 -4.13
CA ASP A 52 25.06 -12.14 -2.85
C ASP A 52 23.97 -11.17 -2.36
N GLY A 53 23.21 -10.65 -3.29
CA GLY A 53 22.24 -9.60 -2.92
C GLY A 53 22.89 -8.28 -2.69
N ASN A 54 22.08 -7.39 -2.15
CA ASN A 54 22.47 -6.01 -1.97
C ASN A 54 23.33 -5.77 -0.74
N PRO A 55 24.01 -4.61 -0.67
CA PRO A 55 24.75 -4.27 0.53
C PRO A 55 23.88 -4.08 1.74
N GLU A 56 24.42 -4.31 2.92
CA GLU A 56 23.73 -4.19 4.19
C GLU A 56 23.94 -2.81 4.76
N PRO A 57 23.05 -2.33 5.60
CA PRO A 57 21.80 -2.98 6.01
C PRO A 57 20.73 -2.97 4.94
N ARG A 58 20.06 -4.12 4.83
CA ARG A 58 19.09 -4.32 3.76
C ARG A 58 17.74 -4.82 4.27
N TYR A 59 17.61 -5.12 5.53
CA TYR A 59 16.36 -5.48 6.22
C TYR A 59 16.38 -4.78 7.55
N MET A 60 15.25 -4.16 7.95
CA MET A 60 15.06 -3.64 9.28
C MET A 60 13.64 -3.86 9.75
N ALA A 61 13.45 -4.10 11.01
CA ALA A 61 12.19 -4.28 11.60
C ALA A 61 11.89 -3.38 12.74
N PHE A 62 10.63 -3.06 12.95
CA PHE A 62 10.12 -2.10 13.88
C PHE A 62 8.80 -2.59 14.45
N PRO A 63 8.19 -1.92 15.43
CA PRO A 63 7.00 -2.45 16.03
C PRO A 63 5.87 -2.65 15.04
N LEU A 64 5.75 -1.86 14.00
CA LEU A 64 4.64 -2.05 13.04
C LEU A 64 5.02 -2.84 11.82
N GLY A 65 6.23 -3.31 11.70
CA GLY A 65 6.59 -4.15 10.56
C GLY A 65 7.95 -4.01 10.08
N SER A 66 8.27 -4.32 8.85
CA SER A 66 9.61 -4.39 8.33
C SER A 66 9.69 -3.71 6.98
N ILE A 67 10.92 -3.41 6.59
CA ILE A 67 11.28 -2.94 5.28
C ILE A 67 12.47 -3.69 4.76
N ASN A 68 12.48 -4.02 3.50
CA ASN A 68 13.62 -4.77 2.94
C ASN A 68 13.86 -4.43 1.49
N SER A 69 15.12 -4.39 1.14
CA SER A 69 15.61 -4.44 -0.25
C SER A 69 16.74 -5.43 -0.34
N MET A 70 16.45 -6.70 -0.15
CA MET A 70 17.49 -7.71 -0.01
C MET A 70 18.32 -7.86 -1.28
N GLY A 71 17.71 -7.73 -2.45
CA GLY A 71 18.39 -7.95 -3.72
C GLY A 71 18.42 -9.39 -4.15
N LEU A 72 17.50 -10.20 -3.72
CA LEU A 72 17.43 -11.57 -4.06
C LEU A 72 18.69 -12.37 -3.76
N PRO A 73 19.28 -12.26 -2.62
CA PRO A 73 20.40 -13.16 -2.21
C PRO A 73 19.90 -14.58 -2.16
N ASN A 74 20.59 -15.52 -2.82
CA ASN A 74 20.16 -16.94 -2.74
C ASN A 74 21.31 -17.82 -3.18
N LEU A 75 21.24 -19.11 -2.91
CA LEU A 75 22.35 -20.08 -3.17
C LEU A 75 22.31 -20.69 -4.60
N GLY A 76 21.37 -20.21 -5.36
CA GLY A 76 21.19 -20.66 -6.73
C GLY A 76 20.25 -21.87 -6.85
N PHE A 77 19.70 -21.98 -8.05
CA PHE A 77 18.69 -22.98 -8.33
C PHE A 77 19.19 -24.38 -8.08
N ASP A 78 20.40 -24.66 -8.48
CA ASP A 78 20.86 -25.98 -8.27
C ASP A 78 20.87 -26.33 -6.79
N PHE A 79 21.28 -25.38 -5.89
CA PHE A 79 21.10 -25.81 -4.51
C PHE A 79 19.64 -26.16 -4.08
N TYR A 80 18.70 -25.32 -4.45
CA TYR A 80 17.29 -25.60 -4.05
C TYR A 80 16.71 -26.86 -4.69
N LEU A 81 17.13 -27.10 -5.92
CA LEU A 81 16.69 -28.36 -6.59
C LEU A 81 17.26 -29.58 -5.95
N LYS A 82 18.50 -29.56 -5.51
CA LYS A 82 19.12 -30.65 -4.74
C LYS A 82 18.41 -30.85 -3.44
N TYR A 83 18.09 -29.76 -2.72
CA TYR A 83 17.38 -29.89 -1.47
C TYR A 83 16.07 -30.63 -1.73
N ALA A 84 15.35 -30.18 -2.74
CA ALA A 84 14.05 -30.81 -3.07
C ALA A 84 14.20 -32.30 -3.52
N SER A 85 15.23 -32.56 -4.27
CA SER A 85 15.42 -33.92 -4.87
C SER A 85 16.03 -34.88 -3.89
N ASP A 86 16.87 -34.49 -2.99
CA ASP A 86 17.75 -35.35 -2.25
C ASP A 86 17.70 -35.20 -0.73
N LEU A 87 17.46 -33.98 -0.26
CA LEU A 87 17.61 -33.66 1.18
C LEU A 87 16.32 -33.53 2.01
N HIS A 88 15.29 -32.99 1.42
CA HIS A 88 14.07 -32.75 2.15
C HIS A 88 13.37 -34.03 2.55
N ASP A 89 12.90 -34.07 3.78
CA ASP A 89 12.13 -35.19 4.21
C ASP A 89 10.63 -34.88 4.06
N TYR A 90 10.07 -35.42 3.00
CA TYR A 90 8.72 -35.23 2.69
C TYR A 90 7.74 -35.97 3.68
N SER A 91 8.27 -36.86 4.50
CA SER A 91 7.39 -37.43 5.52
C SER A 91 7.11 -36.41 6.60
N LYS A 92 7.93 -35.37 6.76
CA LYS A 92 7.63 -34.38 7.78
C LYS A 92 6.58 -33.36 7.36
N LYS A 93 6.70 -32.81 6.16
CA LYS A 93 5.75 -31.84 5.62
C LYS A 93 6.04 -31.54 4.16
N PRO A 94 5.07 -30.98 3.45
CA PRO A 94 5.30 -30.58 2.08
C PRO A 94 6.24 -29.47 1.89
N LEU A 95 6.90 -29.41 0.75
CA LEU A 95 7.89 -28.41 0.34
C LEU A 95 7.37 -27.73 -0.85
N PHE A 96 7.41 -26.38 -0.84
CA PHE A 96 7.32 -25.49 -1.99
C PHE A 96 8.67 -24.93 -2.31
N LEU A 97 8.95 -24.77 -3.62
CA LEU A 97 10.16 -24.17 -4.11
C LEU A 97 9.75 -22.94 -4.84
N SER A 98 10.30 -21.77 -4.43
CA SER A 98 10.00 -20.51 -5.07
C SER A 98 11.09 -20.14 -6.07
N ILE A 99 10.71 -19.70 -7.26
CA ILE A 99 11.66 -19.25 -8.26
C ILE A 99 11.39 -17.83 -8.60
N SER A 100 12.43 -17.06 -8.88
CA SER A 100 12.28 -15.65 -9.25
C SER A 100 13.36 -15.25 -10.24
N GLY A 101 13.38 -15.93 -11.41
CA GLY A 101 14.30 -15.56 -12.46
C GLY A 101 14.11 -14.11 -12.90
N LEU A 102 15.21 -13.57 -13.44
CA LEU A 102 15.27 -12.17 -13.85
C LEU A 102 14.83 -11.88 -15.27
N SER A 103 14.43 -12.93 -15.97
CA SER A 103 13.83 -12.89 -17.32
C SER A 103 12.94 -14.09 -17.49
N VAL A 104 12.05 -14.07 -18.46
CA VAL A 104 11.23 -15.24 -18.74
C VAL A 104 12.10 -16.44 -19.11
N GLU A 105 13.22 -16.25 -19.90
CA GLU A 105 14.02 -17.34 -20.24
C GLU A 105 14.73 -18.08 -19.04
N GLU A 106 15.16 -17.29 -18.06
CA GLU A 106 15.70 -17.89 -16.82
C GLU A 106 14.66 -18.73 -16.03
N ASN A 107 13.45 -18.20 -15.97
CA ASN A 107 12.40 -18.96 -15.36
C ASN A 107 12.10 -20.24 -16.08
N VAL A 108 11.99 -20.14 -17.42
CA VAL A 108 11.72 -21.35 -18.21
C VAL A 108 12.83 -22.42 -18.02
N ALA A 109 14.08 -21.96 -17.98
CA ALA A 109 15.18 -22.89 -17.83
C ALA A 109 15.13 -23.68 -16.51
N MET A 110 14.73 -22.90 -15.43
CA MET A 110 14.59 -23.56 -14.13
C MET A 110 13.42 -24.48 -14.10
N VAL A 111 12.23 -24.05 -14.57
CA VAL A 111 11.06 -24.97 -14.43
C VAL A 111 11.16 -26.25 -15.28
N ARG A 112 11.91 -26.19 -16.36
CA ARG A 112 12.14 -27.40 -17.14
C ARG A 112 12.87 -28.47 -16.37
N ARG A 113 13.84 -28.03 -15.60
CA ARG A 113 14.59 -28.89 -14.73
C ARG A 113 13.88 -29.27 -13.41
N LEU A 114 13.03 -28.41 -12.91
CA LEU A 114 12.21 -28.72 -11.75
C LEU A 114 11.15 -29.80 -12.02
N ALA A 115 10.58 -29.75 -13.20
CA ALA A 115 9.45 -30.65 -13.53
C ALA A 115 9.65 -32.10 -13.07
N PRO A 116 10.73 -32.79 -13.48
CA PRO A 116 10.80 -34.20 -13.17
C PRO A 116 10.89 -34.48 -11.67
N VAL A 117 11.48 -33.51 -10.91
CA VAL A 117 11.55 -33.59 -9.49
C VAL A 117 10.18 -33.35 -8.81
N ALA A 118 9.47 -32.38 -9.31
CA ALA A 118 8.04 -32.18 -8.94
C ALA A 118 7.26 -33.39 -9.11
N GLN A 119 7.39 -34.00 -10.31
CA GLN A 119 6.62 -35.22 -10.58
C GLN A 119 6.99 -36.35 -9.72
N GLU A 120 8.26 -36.60 -9.48
CA GLU A 120 8.70 -37.71 -8.68
C GLU A 120 8.58 -37.53 -7.18
N LYS A 121 8.92 -36.33 -6.67
CA LYS A 121 8.98 -36.07 -5.24
C LYS A 121 7.81 -35.25 -4.68
N GLY A 122 7.13 -34.56 -5.51
CA GLY A 122 5.98 -33.79 -5.07
C GLY A 122 6.28 -32.35 -4.62
N VAL A 123 7.51 -31.91 -4.75
CA VAL A 123 7.75 -30.47 -4.51
C VAL A 123 6.86 -29.65 -5.34
N LEU A 124 6.30 -28.54 -4.80
CA LEU A 124 5.37 -27.62 -5.39
C LEU A 124 5.99 -26.29 -5.78
N LEU A 125 5.82 -25.84 -6.97
CA LEU A 125 6.37 -24.60 -7.49
C LEU A 125 5.53 -23.40 -7.07
N GLU A 126 6.20 -22.38 -6.51
CA GLU A 126 5.66 -21.01 -6.36
C GLU A 126 6.49 -20.09 -7.22
N LEU A 127 5.89 -19.58 -8.28
CA LEU A 127 6.54 -18.62 -9.16
C LEU A 127 6.32 -17.18 -8.70
N ASN A 128 7.42 -16.50 -8.40
CA ASN A 128 7.36 -15.14 -7.92
C ASN A 128 7.27 -14.14 -9.08
N LEU A 129 6.12 -13.49 -9.18
CA LEU A 129 5.87 -12.51 -10.25
C LEU A 129 6.04 -11.07 -9.80
N SER A 130 6.27 -10.91 -8.50
CA SER A 130 6.38 -9.60 -7.84
C SER A 130 7.83 -9.41 -7.81
N CYS A 131 8.40 -9.24 -8.97
CA CYS A 131 9.76 -9.34 -9.24
C CYS A 131 10.17 -8.36 -10.41
N PRO A 132 11.46 -7.82 -10.35
CA PRO A 132 11.90 -7.07 -11.54
C PRO A 132 12.04 -7.79 -12.88
N ASN A 133 11.74 -7.06 -13.93
CA ASN A 133 12.02 -7.44 -15.30
C ASN A 133 13.07 -6.46 -15.85
N VAL A 134 12.73 -5.79 -16.94
CA VAL A 134 13.61 -4.74 -17.45
C VAL A 134 13.60 -3.52 -16.54
N PRO A 135 14.85 -3.02 -16.10
CA PRO A 135 14.77 -1.75 -15.33
C PRO A 135 14.15 -0.58 -16.11
N GLY A 136 13.34 0.23 -15.43
CA GLY A 136 12.49 1.24 -15.99
C GLY A 136 11.18 0.84 -16.43
N LYS A 137 10.91 -0.52 -16.36
CA LYS A 137 9.60 -1.05 -16.55
C LYS A 137 9.13 -1.45 -15.07
N PRO A 138 7.83 -1.52 -14.93
CA PRO A 138 7.27 -2.00 -13.62
C PRO A 138 7.60 -3.45 -13.41
N GLN A 139 7.50 -3.85 -12.17
CA GLN A 139 7.64 -5.23 -11.88
C GLN A 139 6.69 -6.07 -12.71
N VAL A 140 7.03 -7.38 -12.92
CA VAL A 140 6.31 -8.25 -13.86
C VAL A 140 4.81 -8.23 -13.60
N ALA A 141 4.32 -8.38 -12.35
CA ALA A 141 2.91 -8.48 -12.12
C ALA A 141 2.20 -7.11 -12.13
N TYR A 142 2.94 -6.01 -12.35
CA TYR A 142 2.39 -4.73 -12.65
C TYR A 142 2.41 -4.42 -14.14
N ASP A 143 2.80 -5.36 -14.97
CA ASP A 143 2.90 -5.23 -16.45
C ASP A 143 2.15 -6.38 -16.98
N PHE A 144 0.86 -6.21 -17.23
CA PHE A 144 0.00 -7.36 -17.51
C PHE A 144 0.37 -8.17 -18.73
N GLU A 145 0.85 -7.50 -19.76
CA GLU A 145 1.40 -8.23 -20.90
C GLU A 145 2.64 -9.10 -20.59
N ALA A 146 3.56 -8.57 -19.79
CA ALA A 146 4.67 -9.37 -19.34
C ALA A 146 4.20 -10.54 -18.48
N MET A 147 3.26 -10.30 -17.58
CA MET A 147 2.75 -11.35 -16.77
C MET A 147 2.15 -12.47 -17.62
N ARG A 148 1.40 -12.09 -18.65
CA ARG A 148 0.82 -13.10 -19.50
C ARG A 148 1.88 -13.94 -20.19
N THR A 149 2.91 -13.24 -20.68
CA THR A 149 4.00 -13.95 -21.32
C THR A 149 4.75 -14.92 -20.38
N TYR A 150 5.02 -14.48 -19.15
CA TYR A 150 5.70 -15.36 -18.22
C TYR A 150 4.83 -16.58 -17.95
N LEU A 151 3.53 -16.39 -17.75
CA LEU A 151 2.64 -17.52 -17.49
C LEU A 151 2.45 -18.51 -18.67
N GLN A 152 2.42 -17.97 -19.88
CA GLN A 152 2.30 -18.84 -21.05
C GLN A 152 3.59 -19.68 -21.20
N GLN A 153 4.70 -19.02 -21.00
CA GLN A 153 6.01 -19.73 -21.19
C GLN A 153 6.29 -20.72 -20.08
N VAL A 154 5.97 -20.33 -18.81
CA VAL A 154 6.21 -21.28 -17.78
C VAL A 154 5.22 -22.43 -17.82
N SER A 155 3.98 -22.16 -18.12
CA SER A 155 2.98 -23.28 -18.23
C SER A 155 3.41 -24.30 -19.33
N LEU A 156 3.88 -23.83 -20.47
CA LEU A 156 4.34 -24.76 -21.53
C LEU A 156 5.57 -25.52 -21.11
N ALA A 157 6.50 -24.89 -20.40
CA ALA A 157 7.77 -25.49 -20.02
C ALA A 157 7.66 -26.44 -18.90
N TYR A 158 6.73 -26.13 -17.96
CA TYR A 158 6.59 -26.94 -16.75
C TYR A 158 5.61 -28.06 -16.89
N GLY A 159 4.41 -27.72 -17.33
CA GLY A 159 3.42 -28.73 -17.65
C GLY A 159 2.72 -29.38 -16.48
N LEU A 160 2.87 -28.84 -15.25
CA LEU A 160 2.34 -29.40 -14.06
C LEU A 160 1.68 -28.22 -13.26
N PRO A 161 0.83 -28.61 -12.31
CA PRO A 161 0.18 -27.53 -11.46
C PRO A 161 1.28 -26.74 -10.71
N PHE A 162 1.06 -25.42 -10.66
CA PHE A 162 1.97 -24.56 -9.92
C PHE A 162 1.13 -23.43 -9.31
N GLY A 163 1.83 -22.55 -8.56
CA GLY A 163 1.21 -21.32 -8.07
C GLY A 163 2.07 -20.14 -8.30
N VAL A 164 1.50 -18.97 -8.03
CA VAL A 164 2.11 -17.70 -8.26
C VAL A 164 2.05 -16.82 -7.05
N LYS A 165 3.10 -16.12 -6.77
CA LYS A 165 3.21 -15.12 -5.68
C LYS A 165 2.98 -13.77 -6.30
N MET A 166 1.97 -13.02 -5.83
CA MET A 166 1.53 -11.74 -6.42
C MET A 166 1.86 -10.57 -5.51
N PRO A 167 2.21 -9.41 -6.10
CA PRO A 167 2.29 -8.21 -5.32
C PRO A 167 0.86 -7.78 -4.96
N PRO A 168 0.69 -6.87 -4.00
CA PRO A 168 -0.60 -6.30 -3.76
C PRO A 168 -1.01 -5.34 -4.88
N TYR A 169 -2.27 -5.27 -5.16
CA TYR A 169 -2.91 -4.22 -5.97
C TYR A 169 -3.81 -3.37 -5.13
N PHE A 170 -4.08 -2.14 -5.65
CA PHE A 170 -4.73 -1.04 -4.94
C PHE A 170 -5.94 -0.46 -5.68
N ASP A 171 -6.21 -0.97 -6.88
CA ASP A 171 -7.24 -0.40 -7.76
C ASP A 171 -8.09 -1.66 -8.16
N ILE A 172 -9.37 -1.47 -8.13
CA ILE A 172 -10.36 -2.51 -8.53
C ILE A 172 -10.10 -2.97 -9.93
N ALA A 173 -9.70 -2.03 -10.79
CA ALA A 173 -9.45 -2.38 -12.19
C ALA A 173 -8.35 -3.36 -12.28
N HIS A 174 -7.30 -3.19 -11.47
CA HIS A 174 -6.22 -4.10 -11.44
C HIS A 174 -6.52 -5.47 -10.87
N PHE A 175 -7.39 -5.54 -9.83
CA PHE A 175 -7.87 -6.78 -9.37
C PHE A 175 -8.55 -7.48 -10.55
N ASP A 176 -9.41 -6.75 -11.27
CA ASP A 176 -10.16 -7.42 -12.35
C ASP A 176 -9.24 -7.90 -13.47
N THR A 177 -8.29 -7.09 -13.89
CA THR A 177 -7.39 -7.46 -14.97
C THR A 177 -6.45 -8.60 -14.57
N ALA A 178 -5.84 -8.49 -13.36
CA ALA A 178 -4.93 -9.50 -12.92
C ALA A 178 -5.57 -10.86 -12.80
N ALA A 179 -6.76 -10.93 -12.16
CA ALA A 179 -7.42 -12.19 -12.03
C ALA A 179 -7.83 -12.74 -13.34
N ALA A 180 -8.22 -11.90 -14.27
CA ALA A 180 -8.58 -12.40 -15.62
C ALA A 180 -7.32 -13.02 -16.24
N VAL A 181 -6.12 -12.42 -16.11
CA VAL A 181 -4.89 -12.99 -16.66
C VAL A 181 -4.69 -14.33 -16.04
N LEU A 182 -4.74 -14.44 -14.70
CA LEU A 182 -4.51 -15.71 -14.06
C LEU A 182 -5.46 -16.78 -14.47
N ASN A 183 -6.72 -16.44 -14.65
CA ASN A 183 -7.72 -17.40 -15.04
C ASN A 183 -7.56 -17.93 -16.54
N GLU A 184 -6.69 -17.30 -17.28
CA GLU A 184 -6.30 -17.84 -18.63
C GLU A 184 -5.48 -19.11 -18.47
N PHE A 185 -4.90 -19.44 -17.27
CA PHE A 185 -3.90 -20.50 -17.07
C PHE A 185 -4.39 -21.52 -16.17
N PRO A 186 -4.92 -22.65 -16.64
CA PRO A 186 -5.40 -23.67 -15.83
C PRO A 186 -4.39 -24.39 -14.89
N LEU A 187 -3.13 -24.32 -15.24
CA LEU A 187 -2.10 -24.93 -14.44
C LEU A 187 -1.79 -24.08 -13.16
N VAL A 188 -2.23 -22.84 -13.14
CA VAL A 188 -2.06 -21.96 -11.92
C VAL A 188 -3.16 -22.40 -10.95
N LYS A 189 -2.77 -23.24 -10.00
CA LYS A 189 -3.68 -23.82 -9.08
C LYS A 189 -3.76 -23.08 -7.75
N PHE A 190 -2.77 -22.27 -7.42
CA PHE A 190 -2.84 -21.40 -6.20
C PHE A 190 -2.22 -20.05 -6.55
N VAL A 191 -2.73 -19.04 -5.77
CA VAL A 191 -2.34 -17.68 -5.89
C VAL A 191 -2.01 -17.17 -4.51
N THR A 192 -0.78 -16.78 -4.26
CA THR A 192 -0.34 -16.27 -2.95
C THR A 192 -0.36 -14.76 -2.94
N CYS A 193 -1.26 -14.23 -2.09
CA CYS A 193 -1.47 -12.79 -1.93
C CYS A 193 -1.15 -12.47 -0.49
N VAL A 194 -0.06 -11.69 -0.20
CA VAL A 194 0.69 -10.78 -1.12
C VAL A 194 2.17 -10.78 -0.74
N ASN A 195 2.94 -10.38 -1.71
CA ASN A 195 4.29 -9.91 -1.56
C ASN A 195 4.28 -8.55 -0.83
N SER A 196 5.47 -8.05 -0.61
CA SER A 196 5.54 -6.79 0.10
C SER A 196 4.88 -5.62 -0.60
N VAL A 197 4.48 -4.66 0.23
CA VAL A 197 3.93 -3.42 -0.31
C VAL A 197 5.17 -2.60 -0.77
N GLY A 198 5.24 -2.40 -2.07
CA GLY A 198 6.49 -1.96 -2.66
C GLY A 198 6.92 -0.53 -2.34
N ASN A 199 8.23 -0.38 -2.25
CA ASN A 199 8.85 0.96 -2.27
C ASN A 199 8.29 1.87 -1.24
N GLY A 200 8.13 1.45 -0.02
CA GLY A 200 7.96 2.27 1.07
C GLY A 200 9.28 2.92 1.53
N LEU A 201 9.24 3.82 2.51
CA LEU A 201 10.44 4.52 2.98
C LEU A 201 10.30 4.73 4.48
N VAL A 202 11.17 4.07 5.26
CA VAL A 202 11.23 4.30 6.72
C VAL A 202 12.38 5.26 7.01
N ILE A 203 12.09 6.24 7.81
CA ILE A 203 13.07 7.26 8.26
C ILE A 203 13.13 7.27 9.76
N ASP A 204 14.37 7.28 10.27
CA ASP A 204 14.63 7.37 11.71
C ASP A 204 14.74 8.86 12.10
N ALA A 205 13.90 9.26 12.98
CA ALA A 205 13.87 10.66 13.37
C ALA A 205 15.14 11.17 14.06
N GLU A 206 15.73 10.34 14.90
CA GLU A 206 16.90 10.80 15.66
C GLU A 206 18.10 11.04 14.76
N SER A 207 18.37 10.13 13.85
CA SER A 207 19.48 10.18 12.99
C SER A 207 19.21 10.91 11.70
N GLU A 208 17.92 11.18 11.41
CA GLU A 208 17.45 11.82 10.20
C GLU A 208 17.81 11.11 8.97
N SER A 209 17.88 9.78 9.08
CA SER A 209 18.37 8.89 8.02
C SER A 209 17.39 7.79 7.67
N VAL A 210 17.41 7.43 6.40
CA VAL A 210 16.82 6.17 6.01
C VAL A 210 17.47 5.03 6.80
N VAL A 211 16.85 3.84 6.78
CA VAL A 211 17.35 2.72 7.64
C VAL A 211 17.90 1.58 6.86
N ILE A 212 17.73 1.54 5.55
CA ILE A 212 18.38 0.53 4.74
C ILE A 212 19.21 1.25 3.70
N LYS A 213 20.27 0.63 3.25
CA LYS A 213 21.25 1.15 2.33
C LYS A 213 20.84 1.12 0.89
N PRO A 214 20.33 0.03 0.31
CA PRO A 214 20.05 0.05 -1.08
C PRO A 214 18.89 1.04 -1.41
N LYS A 215 18.80 1.43 -2.70
CA LYS A 215 17.70 2.12 -3.26
C LYS A 215 17.38 3.37 -2.49
N GLN A 216 18.38 4.06 -1.90
CA GLN A 216 18.18 5.37 -1.18
C GLN A 216 17.15 5.20 -0.06
N GLY A 217 17.09 3.99 0.51
CA GLY A 217 16.24 3.66 1.66
C GLY A 217 14.90 3.06 1.28
N PHE A 218 14.53 3.03 0.03
CA PHE A 218 13.23 2.53 -0.43
C PHE A 218 13.24 0.99 -0.40
N GLY A 219 12.15 0.39 0.08
CA GLY A 219 12.07 -1.03 0.13
C GLY A 219 10.69 -1.50 0.38
N GLY A 220 10.53 -2.84 0.27
CA GLY A 220 9.18 -3.43 0.43
C GLY A 220 8.80 -3.58 1.88
N LEU A 221 7.55 -3.23 2.19
CA LEU A 221 6.99 -3.27 3.51
C LEU A 221 6.26 -4.59 3.84
N GLY A 222 6.49 -5.06 4.99
CA GLY A 222 5.77 -6.16 5.58
C GLY A 222 5.25 -5.92 6.95
N GLY A 223 4.46 -6.80 7.51
CA GLY A 223 4.07 -6.73 8.82
C GLY A 223 2.75 -6.05 9.12
N LYS A 224 2.63 -5.41 10.30
CA LYS A 224 1.32 -4.81 10.68
C LYS A 224 0.86 -3.77 9.71
N TYR A 225 1.80 -3.04 9.08
CA TYR A 225 1.42 -2.03 8.07
C TYR A 225 0.44 -2.58 7.01
N ILE A 226 0.62 -3.85 6.66
CA ILE A 226 0.08 -4.34 5.41
C ILE A 226 -1.11 -5.33 5.58
N LEU A 227 -1.59 -5.58 6.78
CA LEU A 227 -2.63 -6.59 6.97
C LEU A 227 -3.90 -6.25 6.23
N PRO A 228 -4.48 -5.04 6.32
CA PRO A 228 -5.69 -4.78 5.54
C PRO A 228 -5.47 -4.89 4.03
N THR A 229 -4.29 -4.48 3.53
CA THR A 229 -3.99 -4.63 2.11
C THR A 229 -3.96 -6.14 1.75
N ALA A 230 -3.30 -6.94 2.61
CA ALA A 230 -3.19 -8.38 2.33
C ALA A 230 -4.59 -9.03 2.33
N LEU A 231 -5.45 -8.70 3.31
CA LEU A 231 -6.78 -9.28 3.37
C LEU A 231 -7.54 -8.90 2.12
N ALA A 232 -7.48 -7.66 1.66
CA ALA A 232 -8.19 -7.21 0.50
C ALA A 232 -7.78 -8.04 -0.70
N ASN A 233 -6.48 -8.23 -0.91
CA ASN A 233 -6.01 -8.99 -2.06
C ASN A 233 -6.42 -10.44 -1.96
N VAL A 234 -6.30 -11.03 -0.80
CA VAL A 234 -6.77 -12.43 -0.61
C VAL A 234 -8.21 -12.48 -1.05
N ASN A 235 -9.09 -11.63 -0.50
CA ASN A 235 -10.53 -11.74 -0.81
C ASN A 235 -10.80 -11.41 -2.26
N ALA A 236 -10.11 -10.42 -2.82
CA ALA A 236 -10.37 -10.04 -4.20
C ALA A 236 -10.06 -11.21 -5.13
N PHE A 237 -8.96 -11.92 -4.96
CA PHE A 237 -8.63 -13.07 -5.79
C PHE A 237 -9.44 -14.24 -5.42
N TYR A 238 -9.85 -14.43 -4.20
CA TYR A 238 -10.77 -15.55 -3.80
C TYR A 238 -12.07 -15.43 -4.51
N ARG A 239 -12.63 -14.23 -4.59
CA ARG A 239 -13.90 -13.97 -5.31
C ARG A 239 -13.66 -14.16 -6.79
N ARG A 240 -12.58 -13.73 -7.38
CA ARG A 240 -12.40 -13.70 -8.85
C ARG A 240 -11.82 -14.97 -9.46
N CYS A 241 -11.27 -15.83 -8.59
CA CYS A 241 -10.66 -17.09 -9.09
C CYS A 241 -11.23 -18.29 -8.45
N PRO A 242 -12.51 -18.62 -8.77
CA PRO A 242 -13.21 -19.66 -8.04
C PRO A 242 -12.66 -21.09 -8.32
N ASP A 243 -11.88 -21.25 -9.31
CA ASP A 243 -11.26 -22.55 -9.57
C ASP A 243 -9.86 -22.69 -9.14
N LYS A 244 -9.37 -21.70 -8.37
CA LYS A 244 -8.02 -21.71 -7.79
C LYS A 244 -8.04 -21.63 -6.27
N LEU A 245 -6.96 -22.04 -5.61
CA LEU A 245 -6.76 -21.77 -4.15
C LEU A 245 -6.11 -20.39 -4.03
N VAL A 246 -6.36 -19.75 -2.86
CA VAL A 246 -5.63 -18.54 -2.49
C VAL A 246 -4.88 -18.82 -1.25
N PHE A 247 -3.60 -18.47 -1.21
CA PHE A 247 -2.81 -18.53 0.02
C PHE A 247 -2.66 -17.09 0.52
N GLY A 248 -2.82 -16.91 1.82
CA GLY A 248 -2.66 -15.61 2.36
C GLY A 248 -1.30 -15.36 2.92
N CYS A 249 -0.77 -14.15 2.71
CA CYS A 249 0.52 -13.71 3.27
C CYS A 249 0.39 -12.21 3.50
N GLY A 250 0.76 -11.80 4.69
CA GLY A 250 0.89 -10.36 5.04
C GLY A 250 0.28 -10.04 6.37
N GLY A 251 1.11 -9.54 7.26
CA GLY A 251 0.61 -9.07 8.54
C GLY A 251 0.14 -10.09 9.48
N VAL A 252 0.60 -11.34 9.35
CA VAL A 252 0.20 -12.37 10.35
C VAL A 252 1.18 -12.37 11.50
N TYR A 253 0.65 -11.98 12.69
CA TYR A 253 1.37 -12.10 13.95
C TYR A 253 0.64 -12.95 14.94
N SER A 254 -0.59 -13.34 14.70
CA SER A 254 -1.39 -14.00 15.73
C SER A 254 -2.38 -14.96 15.04
N GLY A 255 -2.96 -15.82 15.85
CA GLY A 255 -4.02 -16.68 15.39
C GLY A 255 -5.22 -15.87 14.89
N GLU A 256 -5.50 -14.77 15.53
CA GLU A 256 -6.56 -13.96 15.04
C GLU A 256 -6.31 -13.38 13.63
N ASP A 257 -5.10 -12.93 13.36
CA ASP A 257 -4.72 -12.46 12.04
C ASP A 257 -4.90 -13.58 10.97
N ALA A 258 -4.49 -14.78 11.37
CA ALA A 258 -4.67 -15.94 10.51
C ALA A 258 -6.14 -16.26 10.28
N PHE A 259 -6.93 -16.17 11.36
CA PHE A 259 -8.37 -16.37 11.20
C PHE A 259 -8.98 -15.39 10.21
N LEU A 260 -8.57 -14.10 10.25
CA LEU A 260 -9.03 -13.11 9.28
C LEU A 260 -8.62 -13.46 7.83
N HIS A 261 -7.37 -13.86 7.61
CA HIS A 261 -6.97 -14.34 6.32
C HIS A 261 -7.87 -15.48 5.80
N ILE A 262 -8.14 -16.43 6.72
CA ILE A 262 -8.92 -17.61 6.31
C ILE A 262 -10.39 -17.19 6.01
N LEU A 263 -10.98 -16.34 6.82
CA LEU A 263 -12.28 -15.80 6.52
C LEU A 263 -12.32 -15.10 5.20
N ALA A 264 -11.22 -14.40 4.78
CA ALA A 264 -11.07 -13.78 3.51
C ALA A 264 -10.97 -14.67 2.32
N GLY A 265 -10.57 -15.91 2.61
CA GLY A 265 -10.47 -16.99 1.59
C GLY A 265 -9.18 -17.78 1.65
N ALA A 266 -8.25 -17.49 2.52
CA ALA A 266 -6.98 -18.20 2.50
C ALA A 266 -7.09 -19.72 2.82
N SER A 267 -6.31 -20.49 2.06
CA SER A 267 -6.06 -21.91 2.35
C SER A 267 -4.80 -21.98 3.23
N MET A 268 -3.63 -21.86 2.66
CA MET A 268 -2.44 -21.72 3.46
C MET A 268 -2.28 -20.25 3.91
N VAL A 269 -1.62 -20.15 5.05
CA VAL A 269 -1.29 -18.87 5.66
C VAL A 269 0.23 -18.78 5.88
N GLN A 270 0.83 -17.82 5.22
CA GLN A 270 2.28 -17.67 5.28
C GLN A 270 2.65 -16.49 6.25
N VAL A 271 3.83 -16.66 6.88
CA VAL A 271 4.32 -15.76 7.92
C VAL A 271 5.69 -15.29 7.60
N GLY A 272 5.86 -13.98 7.36
CA GLY A 272 7.14 -13.37 6.99
C GLY A 272 7.77 -12.67 8.18
N THR A 273 7.51 -11.36 8.21
CA THR A 273 8.06 -10.46 9.25
C THR A 273 7.98 -11.04 10.64
N ALA A 274 6.79 -11.50 11.02
CA ALA A 274 6.65 -11.95 12.39
C ALA A 274 7.50 -13.16 12.71
N LEU A 275 7.70 -14.05 11.71
CA LEU A 275 8.61 -15.18 11.83
C LEU A 275 10.08 -14.75 11.87
N GLN A 276 10.43 -13.77 11.06
CA GLN A 276 11.75 -13.21 11.10
C GLN A 276 12.09 -12.66 12.49
N GLU A 277 11.12 -12.02 13.13
CA GLU A 277 11.34 -11.40 14.40
C GLU A 277 11.25 -12.33 15.57
N GLU A 278 10.27 -13.28 15.57
CA GLU A 278 10.03 -14.17 16.70
C GLU A 278 10.76 -15.52 16.62
N GLY A 279 11.04 -16.00 15.41
CA GLY A 279 11.59 -17.32 15.21
C GLY A 279 10.50 -18.38 15.11
N PRO A 280 10.96 -19.61 14.85
CA PRO A 280 10.05 -20.66 14.48
C PRO A 280 9.12 -21.12 15.55
N GLY A 281 9.41 -20.79 16.80
CA GLY A 281 8.42 -21.03 17.86
C GLY A 281 7.14 -20.39 17.58
N ILE A 282 7.05 -19.37 16.70
CA ILE A 282 5.81 -18.72 16.42
C ILE A 282 4.74 -19.72 15.99
N PHE A 283 5.12 -20.78 15.30
CA PHE A 283 4.10 -21.66 14.72
C PHE A 283 3.34 -22.38 15.79
N THR A 284 3.90 -22.75 16.92
CA THR A 284 3.09 -23.40 17.95
C THR A 284 2.10 -22.39 18.50
N ARG A 285 2.52 -21.15 18.72
CA ARG A 285 1.66 -20.10 19.21
C ARG A 285 0.52 -19.79 18.27
N LEU A 286 0.79 -19.69 16.96
CA LEU A 286 -0.25 -19.41 16.03
C LEU A 286 -1.25 -20.58 16.00
N GLU A 287 -0.80 -21.79 16.04
CA GLU A 287 -1.74 -22.94 16.06
C GLU A 287 -2.60 -22.89 17.30
N ASP A 288 -2.03 -22.67 18.46
CA ASP A 288 -2.79 -22.63 19.71
C ASP A 288 -3.80 -21.51 19.62
N GLU A 289 -3.43 -20.35 19.18
CA GLU A 289 -4.31 -19.22 19.14
C GLU A 289 -5.43 -19.46 18.13
N LEU A 290 -5.20 -19.97 16.98
CA LEU A 290 -6.25 -20.22 16.01
C LEU A 290 -7.21 -21.30 16.55
N LEU A 291 -6.68 -22.32 17.15
CA LEU A 291 -7.56 -23.35 17.76
C LEU A 291 -8.40 -22.73 18.85
N GLU A 292 -7.93 -21.79 19.61
CA GLU A 292 -8.70 -21.22 20.68
C GLU A 292 -9.82 -20.42 20.12
N ILE A 293 -9.62 -19.64 19.04
CA ILE A 293 -10.69 -18.90 18.43
C ILE A 293 -11.71 -19.86 17.84
N MET A 294 -11.30 -20.89 17.13
CA MET A 294 -12.22 -21.93 16.62
C MET A 294 -13.02 -22.54 17.80
N ALA A 295 -12.43 -22.84 18.89
CA ALA A 295 -13.20 -23.48 20.04
C ALA A 295 -14.21 -22.48 20.52
N ARG A 296 -13.93 -21.25 20.67
CA ARG A 296 -14.86 -20.26 21.19
C ARG A 296 -16.03 -20.14 20.27
N LYS A 297 -15.87 -20.22 18.99
CA LYS A 297 -16.85 -20.03 17.99
C LYS A 297 -17.57 -21.31 17.59
N GLY A 298 -17.14 -22.40 18.12
CA GLY A 298 -17.67 -23.72 17.75
C GLY A 298 -17.30 -24.23 16.37
N TYR A 299 -16.24 -23.77 15.74
CA TYR A 299 -15.78 -24.28 14.46
C TYR A 299 -14.85 -25.48 14.65
N ARG A 300 -15.11 -26.57 13.93
CA ARG A 300 -14.33 -27.78 14.06
C ARG A 300 -13.24 -27.94 13.00
N THR A 301 -13.41 -27.27 11.85
CA THR A 301 -12.50 -27.39 10.72
C THR A 301 -12.36 -26.02 10.06
N LEU A 302 -11.27 -25.86 9.28
CA LEU A 302 -11.04 -24.60 8.56
C LEU A 302 -12.07 -24.35 7.53
N GLU A 303 -12.59 -25.40 6.88
CA GLU A 303 -13.54 -25.23 5.79
C GLU A 303 -14.88 -24.68 6.26
N GLU A 304 -15.16 -24.81 7.53
CA GLU A 304 -16.36 -24.24 8.06
C GLU A 304 -16.42 -22.72 7.95
N PHE A 305 -15.28 -22.07 7.92
CA PHE A 305 -15.25 -20.61 7.84
C PHE A 305 -14.44 -19.98 6.71
N ARG A 306 -13.68 -20.80 5.98
CA ARG A 306 -12.86 -20.24 4.94
C ARG A 306 -13.75 -19.56 3.90
N GLY A 307 -13.39 -18.33 3.57
CA GLY A 307 -14.13 -17.54 2.61
C GLY A 307 -15.48 -16.95 3.05
N ARG A 308 -15.80 -17.13 4.32
CA ARG A 308 -17.11 -16.84 4.81
C ARG A 308 -17.22 -15.46 5.48
N VAL A 309 -16.24 -14.60 5.25
CA VAL A 309 -16.38 -13.21 5.67
C VAL A 309 -17.76 -12.69 5.23
N LYS A 310 -18.38 -11.97 6.18
CA LYS A 310 -19.72 -11.40 5.93
C LYS A 310 -19.59 -10.03 5.40
N THR A 311 -20.43 -9.61 4.52
CA THR A 311 -20.58 -8.22 4.08
C THR A 311 -21.84 -7.63 4.73
N ILE A 312 -21.93 -6.30 4.72
CA ILE A 312 -23.07 -5.56 5.34
C ILE A 312 -24.09 -5.30 4.28
N GLU A 313 -25.29 -5.82 4.64
CA GLU A 313 -26.54 -5.60 3.91
C GLU A 313 -26.28 -5.86 2.45
N MET B 1 11.25 28.60 17.44
CA MET B 1 10.59 29.90 17.87
C MET B 1 9.20 30.10 17.24
N CYS B 2 9.08 30.38 15.95
CA CYS B 2 7.76 30.27 15.25
C CYS B 2 7.98 29.54 13.93
N LEU B 3 6.90 28.86 13.46
CA LEU B 3 6.88 27.85 12.38
C LEU B 3 6.34 28.46 11.12
N LYS B 4 6.24 29.80 11.12
CA LYS B 4 5.64 30.50 9.98
C LYS B 4 6.51 30.36 8.75
N LEU B 5 5.82 30.25 7.60
CA LEU B 5 6.39 30.07 6.28
C LEU B 5 5.58 30.70 5.14
N ASN B 6 6.21 30.94 3.99
CA ASN B 6 5.64 31.53 2.80
C ASN B 6 5.76 30.55 1.69
N LEU B 7 4.66 30.28 0.98
CA LEU B 7 4.54 29.37 -0.17
C LEU B 7 3.44 29.85 -1.14
N LEU B 8 3.66 29.71 -2.42
CA LEU B 8 2.63 29.96 -3.39
C LEU B 8 2.06 31.40 -3.25
N ASP B 9 2.91 32.32 -2.89
CA ASP B 9 2.51 33.72 -2.69
C ASP B 9 1.53 33.97 -1.57
N HIS B 10 1.58 33.08 -0.61
CA HIS B 10 0.78 33.20 0.57
C HIS B 10 1.66 32.97 1.80
N VAL B 11 1.27 33.53 2.92
CA VAL B 11 1.92 33.35 4.16
C VAL B 11 1.12 32.35 5.00
N PHE B 12 1.84 31.43 5.63
CA PHE B 12 1.27 30.44 6.51
C PHE B 12 1.91 30.48 7.90
N ALA B 13 1.10 30.43 8.91
CA ALA B 13 1.53 30.43 10.33
C ALA B 13 2.37 29.20 10.71
N ASN B 14 2.10 28.09 10.04
CA ASN B 14 2.75 26.83 10.33
C ASN B 14 2.39 25.92 9.13
N PRO B 15 3.04 24.77 9.00
CA PRO B 15 2.85 23.96 7.83
C PRO B 15 1.59 23.04 7.92
N PHE B 16 0.82 23.09 8.97
CA PHE B 16 -0.25 22.08 9.14
C PHE B 16 -1.54 22.49 8.51
N MET B 17 -2.28 21.52 7.98
CA MET B 17 -3.63 21.71 7.54
C MET B 17 -4.39 20.42 7.61
N ASN B 18 -5.72 20.47 7.46
CA ASN B 18 -6.45 19.20 7.30
C ASN B 18 -6.12 18.62 5.97
N ALA B 19 -6.31 17.30 5.90
CA ALA B 19 -6.42 16.56 4.65
C ALA B 19 -7.78 16.74 4.03
N ALA B 20 -7.88 16.84 2.70
CA ALA B 20 -9.18 16.97 2.06
C ALA B 20 -10.06 15.84 2.47
N GLY B 21 -11.32 16.16 2.74
CA GLY B 21 -12.32 15.20 3.18
C GLY B 21 -12.55 15.15 4.65
N VAL B 22 -11.57 15.55 5.48
CA VAL B 22 -11.73 15.54 6.94
C VAL B 22 -12.02 16.93 7.46
N LEU B 23 -13.09 17.05 8.21
CA LEU B 23 -13.51 18.33 8.84
C LEU B 23 -13.62 19.52 7.91
N CYS B 24 -14.31 19.29 6.81
CA CYS B 24 -14.31 20.28 5.77
C CYS B 24 -15.48 20.19 4.78
N SER B 25 -16.53 19.54 5.17
CA SER B 25 -17.66 19.35 4.24
C SER B 25 -18.74 20.42 4.26
N THR B 26 -19.01 20.93 5.44
CA THR B 26 -20.08 21.86 5.70
C THR B 26 -19.50 23.22 6.07
N GLU B 27 -20.34 24.24 6.04
CA GLU B 27 -19.94 25.53 6.51
C GLU B 27 -19.42 25.49 7.97
N GLU B 28 -20.12 24.73 8.77
CA GLU B 28 -19.72 24.49 10.18
C GLU B 28 -18.32 23.94 10.25
N ASP B 29 -18.04 22.94 9.44
CA ASP B 29 -16.73 22.31 9.41
C ASP B 29 -15.65 23.31 9.05
N LEU B 30 -15.88 24.05 8.01
CA LEU B 30 -14.91 25.01 7.50
C LEU B 30 -14.63 26.15 8.48
N ARG B 31 -15.67 26.61 9.13
CA ARG B 31 -15.50 27.57 10.19
C ARG B 31 -14.70 27.01 11.36
N CYS B 32 -14.90 25.76 11.73
CA CYS B 32 -14.13 25.14 12.75
C CYS B 32 -12.65 24.98 12.38
N MET B 33 -12.39 24.55 11.17
CA MET B 33 -11.00 24.54 10.69
C MET B 33 -10.38 25.93 10.69
N THR B 34 -11.16 26.91 10.31
CA THR B 34 -10.65 28.30 10.27
C THR B 34 -10.32 28.74 11.72
N ALA B 35 -11.14 28.44 12.68
CA ALA B 35 -10.90 28.76 14.07
C ALA B 35 -9.76 28.03 14.74
N SER B 36 -9.34 26.88 14.20
CA SER B 36 -8.26 26.09 14.71
C SER B 36 -6.92 26.78 14.56
N SER B 37 -5.90 26.18 15.13
CA SER B 37 -4.53 26.68 14.99
C SER B 37 -3.86 26.26 13.71
N SER B 38 -4.57 25.51 12.82
CA SER B 38 -3.93 25.05 11.56
C SER B 38 -3.37 26.27 10.80
N GLY B 39 -2.37 26.04 9.99
CA GLY B 39 -1.82 27.03 9.10
C GLY B 39 -2.66 27.28 7.92
N ALA B 40 -3.49 26.34 7.45
CA ALA B 40 -4.34 26.44 6.28
C ALA B 40 -5.48 25.45 6.44
N LEU B 41 -6.39 25.47 5.51
CA LEU B 41 -7.46 24.48 5.43
C LEU B 41 -7.74 24.20 3.97
N VAL B 42 -8.29 23.02 3.67
CA VAL B 42 -8.72 22.62 2.36
C VAL B 42 -10.18 22.11 2.48
N SER B 43 -10.99 22.43 1.50
CA SER B 43 -12.36 21.97 1.45
C SER B 43 -12.53 20.57 0.99
N LYS B 44 -13.66 19.93 1.29
CA LYS B 44 -14.00 18.60 0.82
C LYS B 44 -13.95 18.57 -0.73
N SER B 45 -13.41 17.54 -1.31
CA SER B 45 -13.44 17.42 -2.81
C SER B 45 -14.88 17.46 -3.27
N CYS B 46 -15.09 18.32 -4.30
CA CYS B 46 -16.47 18.54 -4.76
C CYS B 46 -16.67 18.13 -6.20
N THR B 47 -17.98 17.92 -6.50
CA THR B 47 -18.54 17.69 -7.82
C THR B 47 -19.39 18.90 -8.20
N SER B 48 -19.82 18.94 -9.47
CA SER B 48 -20.67 20.05 -9.88
C SER B 48 -22.00 20.09 -9.16
N ALA B 49 -22.58 18.94 -8.95
CA ALA B 49 -23.73 18.79 -8.15
C ALA B 49 -23.45 18.12 -6.79
N PRO B 50 -24.41 18.45 -5.83
CA PRO B 50 -24.30 17.80 -4.52
C PRO B 50 -24.38 16.29 -4.61
N ARG B 51 -23.70 15.59 -3.70
CA ARG B 51 -23.80 14.15 -3.60
C ARG B 51 -24.03 13.70 -2.15
N ASP B 52 -24.91 12.72 -2.01
CA ASP B 52 -25.14 12.06 -0.76
C ASP B 52 -23.99 11.12 -0.31
N GLY B 53 -23.27 10.56 -1.27
CA GLY B 53 -22.27 9.56 -0.99
C GLY B 53 -22.90 8.17 -0.77
N ASN B 54 -22.10 7.29 -0.23
CA ASN B 54 -22.43 5.91 -0.06
C ASN B 54 -23.21 5.64 1.21
N PRO B 55 -23.85 4.45 1.28
CA PRO B 55 -24.46 4.11 2.53
C PRO B 55 -23.58 3.96 3.70
N GLU B 56 -24.07 4.21 4.87
CA GLU B 56 -23.34 4.06 6.12
C GLU B 56 -23.52 2.68 6.67
N PRO B 57 -22.53 2.08 7.47
CA PRO B 57 -21.26 2.77 7.78
C PRO B 57 -20.26 2.82 6.61
N ARG B 58 -19.62 3.97 6.47
CA ARG B 58 -18.68 4.21 5.38
C ARG B 58 -17.27 4.67 5.81
N TYR B 59 -17.10 4.90 7.10
CA TYR B 59 -15.81 5.23 7.69
C TYR B 59 -15.69 4.47 9.01
N MET B 60 -14.55 3.85 9.25
CA MET B 60 -14.24 3.34 10.55
C MET B 60 -12.79 3.55 10.88
N ALA B 61 -12.50 3.73 12.15
CA ALA B 61 -11.16 3.88 12.62
C ALA B 61 -10.79 2.93 13.74
N PHE B 62 -9.49 2.67 13.85
CA PHE B 62 -8.88 1.63 14.65
C PHE B 62 -7.55 2.17 15.14
N PRO B 63 -6.86 1.43 16.07
CA PRO B 63 -5.64 1.94 16.63
C PRO B 63 -4.59 2.22 15.57
N LEU B 64 -4.56 1.48 14.49
CA LEU B 64 -3.59 1.67 13.45
C LEU B 64 -3.98 2.54 12.27
N GLY B 65 -5.23 2.92 12.19
CA GLY B 65 -5.64 3.83 11.13
C GLY B 65 -7.09 3.70 10.79
N SER B 66 -7.46 4.05 9.60
CA SER B 66 -8.84 4.13 9.19
C SER B 66 -9.08 3.52 7.88
N ILE B 67 -10.32 3.16 7.56
CA ILE B 67 -10.77 2.72 6.26
C ILE B 67 -12.03 3.56 5.86
N ASN B 68 -12.11 3.92 4.61
CA ASN B 68 -13.29 4.70 4.16
C ASN B 68 -13.59 4.40 2.72
N SER B 69 -14.96 4.38 2.50
CA SER B 69 -15.54 4.44 1.17
C SER B 69 -16.65 5.46 1.19
N MET B 70 -16.33 6.73 1.35
CA MET B 70 -17.38 7.73 1.55
C MET B 70 -18.22 7.89 0.35
N GLY B 71 -17.70 7.77 -0.83
CA GLY B 71 -18.45 8.05 -2.04
C GLY B 71 -18.57 9.45 -2.42
N LEU B 72 -17.60 10.30 -2.10
CA LEU B 72 -17.60 11.68 -2.50
C LEU B 72 -18.82 12.45 -2.02
N PRO B 73 -19.35 12.27 -0.82
CA PRO B 73 -20.46 13.12 -0.36
C PRO B 73 -19.96 14.55 -0.32
N ASN B 74 -20.73 15.51 -0.83
CA ASN B 74 -20.32 16.88 -0.75
C ASN B 74 -21.53 17.80 -1.03
N LEU B 75 -21.40 19.07 -0.71
CA LEU B 75 -22.50 20.03 -0.90
C LEU B 75 -22.53 20.60 -2.30
N GLY B 76 -21.66 20.21 -3.18
CA GLY B 76 -21.61 20.76 -4.51
C GLY B 76 -20.75 21.96 -4.69
N PHE B 77 -20.22 22.12 -5.88
CA PHE B 77 -19.24 23.15 -6.17
C PHE B 77 -19.74 24.57 -5.89
N ASP B 78 -21.00 24.83 -6.16
CA ASP B 78 -21.53 26.17 -5.91
C ASP B 78 -21.38 26.58 -4.44
N PHE B 79 -21.60 25.66 -3.53
CA PHE B 79 -21.40 25.94 -2.11
C PHE B 79 -19.94 26.29 -1.75
N TYR B 80 -19.01 25.47 -2.22
CA TYR B 80 -17.60 25.68 -1.92
C TYR B 80 -17.08 26.95 -2.55
N LEU B 81 -17.55 27.22 -3.75
CA LEU B 81 -17.16 28.49 -4.42
C LEU B 81 -17.70 29.68 -3.67
N LYS B 82 -18.93 29.58 -3.18
CA LYS B 82 -19.50 30.65 -2.36
C LYS B 82 -18.78 30.86 -1.06
N TYR B 83 -18.35 29.72 -0.44
CA TYR B 83 -17.55 29.77 0.75
C TYR B 83 -16.22 30.53 0.48
N ALA B 84 -15.56 30.13 -0.62
CA ALA B 84 -14.31 30.83 -1.00
C ALA B 84 -14.52 32.32 -1.33
N SER B 85 -15.61 32.61 -1.99
CA SER B 85 -15.75 34.03 -2.55
C SER B 85 -16.35 34.91 -1.50
N ASP B 86 -17.20 34.43 -0.60
CA ASP B 86 -17.99 35.32 0.31
C ASP B 86 -17.84 35.08 1.78
N LEU B 87 -17.50 33.83 2.22
CA LEU B 87 -17.60 33.46 3.62
C LEU B 87 -16.21 33.32 4.31
N HIS B 88 -15.19 32.85 3.60
CA HIS B 88 -13.88 32.61 4.21
C HIS B 88 -13.25 33.90 4.60
N ASP B 89 -12.70 33.86 5.79
CA ASP B 89 -11.91 34.97 6.30
C ASP B 89 -10.36 34.74 6.00
N TYR B 90 -9.89 35.30 4.88
CA TYR B 90 -8.52 35.18 4.39
C TYR B 90 -7.47 35.78 5.37
N SER B 91 -7.95 36.64 6.26
CA SER B 91 -7.03 37.23 7.24
C SER B 91 -6.60 36.19 8.24
N LYS B 92 -7.37 35.11 8.39
CA LYS B 92 -7.14 34.08 9.35
C LYS B 92 -6.12 33.05 8.82
N LYS B 93 -6.27 32.58 7.59
CA LYS B 93 -5.34 31.58 6.95
C LYS B 93 -5.73 31.38 5.53
N PRO B 94 -4.83 30.81 4.71
CA PRO B 94 -5.18 30.52 3.33
C PRO B 94 -6.18 29.35 3.21
N LEU B 95 -6.92 29.35 2.14
CA LEU B 95 -7.89 28.38 1.79
C LEU B 95 -7.50 27.73 0.53
N PHE B 96 -7.52 26.37 0.50
CA PHE B 96 -7.49 25.54 -0.67
C PHE B 96 -8.86 24.92 -0.96
N LEU B 97 -9.25 24.88 -2.21
CA LEU B 97 -10.47 24.24 -2.59
C LEU B 97 -10.13 22.97 -3.41
N SER B 98 -10.63 21.82 -2.99
CA SER B 98 -10.40 20.56 -3.70
C SER B 98 -11.57 20.27 -4.66
N ILE B 99 -11.21 19.93 -5.87
CA ILE B 99 -12.13 19.56 -6.91
C ILE B 99 -11.90 18.11 -7.37
N SER B 100 -13.00 17.39 -7.51
CA SER B 100 -12.96 16.02 -7.97
C SER B 100 -14.12 15.67 -8.88
N GLY B 101 -14.15 16.30 -10.03
CA GLY B 101 -15.18 15.94 -11.02
C GLY B 101 -15.03 14.55 -11.56
N LEU B 102 -16.13 14.00 -12.04
CA LEU B 102 -16.17 12.63 -12.54
C LEU B 102 -15.74 12.49 -14.01
N SER B 103 -15.41 13.59 -14.63
CA SER B 103 -14.92 13.62 -16.03
C SER B 103 -14.06 14.82 -16.16
N VAL B 104 -13.28 14.86 -17.25
CA VAL B 104 -12.50 15.98 -17.52
C VAL B 104 -13.36 17.25 -17.70
N GLU B 105 -14.49 17.03 -18.43
CA GLU B 105 -15.35 18.16 -18.72
C GLU B 105 -15.93 18.85 -17.48
N GLU B 106 -16.28 18.01 -16.50
CA GLU B 106 -16.78 18.56 -15.24
C GLU B 106 -15.73 19.39 -14.49
N ASN B 107 -14.50 18.82 -14.43
CA ASN B 107 -13.37 19.59 -13.89
C ASN B 107 -13.14 20.92 -14.56
N VAL B 108 -13.12 20.85 -15.94
CA VAL B 108 -12.97 22.07 -16.68
C VAL B 108 -14.02 23.14 -16.36
N ALA B 109 -15.25 22.69 -16.29
CA ALA B 109 -16.32 23.63 -16.02
C ALA B 109 -16.22 24.27 -14.65
N MET B 110 -15.74 23.48 -13.65
CA MET B 110 -15.52 24.04 -12.31
C MET B 110 -14.38 25.01 -12.25
N VAL B 111 -13.23 24.62 -12.86
CA VAL B 111 -12.06 25.46 -12.79
C VAL B 111 -12.20 26.83 -13.49
N ARG B 112 -12.98 26.83 -14.56
CA ARG B 112 -13.24 28.08 -15.29
C ARG B 112 -13.95 29.07 -14.38
N ARG B 113 -14.87 28.57 -13.58
CA ARG B 113 -15.54 29.39 -12.58
C ARG B 113 -14.70 29.81 -11.38
N LEU B 114 -13.81 28.93 -10.95
CA LEU B 114 -12.94 29.18 -9.84
C LEU B 114 -11.89 30.28 -10.14
N ALA B 115 -11.43 30.34 -11.39
CA ALA B 115 -10.31 31.18 -11.71
C ALA B 115 -10.47 32.65 -11.33
N PRO B 116 -11.58 33.33 -11.64
CA PRO B 116 -11.72 34.67 -11.11
C PRO B 116 -11.72 34.93 -9.65
N VAL B 117 -12.28 33.89 -8.94
CA VAL B 117 -12.21 33.92 -7.49
C VAL B 117 -10.79 33.69 -6.87
N ALA B 118 -10.05 32.77 -7.51
CA ALA B 118 -8.62 32.62 -7.25
C ALA B 118 -7.88 33.94 -7.43
N GLN B 119 -8.15 34.63 -8.57
CA GLN B 119 -7.49 35.92 -8.81
C GLN B 119 -7.86 36.96 -7.81
N GLU B 120 -9.13 37.04 -7.47
CA GLU B 120 -9.56 38.10 -6.59
C GLU B 120 -9.26 37.86 -5.11
N LYS B 121 -9.50 36.62 -4.65
CA LYS B 121 -9.44 36.25 -3.25
C LYS B 121 -8.16 35.48 -2.89
N GLY B 122 -7.55 34.80 -3.81
CA GLY B 122 -6.35 34.03 -3.55
C GLY B 122 -6.65 32.58 -3.12
N VAL B 123 -7.87 32.10 -3.17
CA VAL B 123 -8.12 30.66 -2.96
C VAL B 123 -7.23 29.86 -3.84
N LEU B 124 -6.75 28.70 -3.40
CA LEU B 124 -5.86 27.81 -4.12
C LEU B 124 -6.50 26.52 -4.54
N LEU B 125 -6.28 26.01 -5.68
CA LEU B 125 -6.89 24.82 -6.20
C LEU B 125 -6.03 23.56 -5.89
N GLU B 126 -6.65 22.55 -5.30
CA GLU B 126 -6.10 21.20 -5.28
C GLU B 126 -7.00 20.29 -6.10
N LEU B 127 -6.47 19.76 -7.19
CA LEU B 127 -7.20 18.88 -8.08
C LEU B 127 -6.99 17.41 -7.67
N ASN B 128 -8.08 16.77 -7.29
CA ASN B 128 -8.02 15.38 -6.86
C ASN B 128 -8.17 14.43 -8.03
N LEU B 129 -7.11 13.70 -8.33
CA LEU B 129 -7.14 12.65 -9.35
C LEU B 129 -7.89 11.32 -9.02
N SER B 130 -8.19 11.02 -7.77
CA SER B 130 -8.94 9.81 -7.40
C SER B 130 -10.45 9.92 -7.59
N CYS B 131 -11.11 8.82 -7.91
CA CYS B 131 -12.52 8.82 -8.21
C CYS B 131 -13.14 7.44 -7.94
N PRO B 132 -14.55 7.46 -7.95
CA PRO B 132 -15.18 6.13 -7.80
C PRO B 132 -14.82 5.16 -8.94
N ASN B 133 -14.74 3.87 -8.64
CA ASN B 133 -14.41 2.86 -9.63
C ASN B 133 -15.42 2.85 -10.78
N VAL B 134 -14.87 2.82 -11.98
CA VAL B 134 -15.62 2.56 -13.21
C VAL B 134 -15.11 1.21 -13.74
N PRO B 135 -15.97 0.17 -13.74
CA PRO B 135 -15.52 -1.12 -14.34
C PRO B 135 -14.87 -0.97 -15.73
N GLY B 136 -13.72 -1.61 -15.91
CA GLY B 136 -13.00 -1.68 -17.12
C GLY B 136 -11.95 -0.61 -17.29
N LYS B 137 -11.86 0.33 -16.34
CA LYS B 137 -10.71 1.31 -16.45
C LYS B 137 -10.16 1.69 -15.06
N PRO B 138 -8.84 2.05 -14.97
CA PRO B 138 -8.21 2.37 -13.70
C PRO B 138 -8.46 3.77 -13.24
N GLN B 139 -8.20 4.08 -11.98
CA GLN B 139 -8.21 5.43 -11.52
C GLN B 139 -7.34 6.34 -12.40
N VAL B 140 -7.76 7.58 -12.60
CA VAL B 140 -7.07 8.53 -13.52
C VAL B 140 -5.56 8.60 -13.21
N ALA B 141 -5.09 8.70 -11.92
CA ALA B 141 -3.64 8.86 -11.78
C ALA B 141 -2.90 7.60 -11.99
N TYR B 142 -3.61 6.44 -12.16
CA TYR B 142 -3.01 5.24 -12.53
C TYR B 142 -3.08 4.85 -14.00
N ASP B 143 -3.58 5.83 -14.77
CA ASP B 143 -3.71 5.78 -16.23
C ASP B 143 -3.04 7.03 -16.73
N PHE B 144 -1.79 6.88 -17.08
CA PHE B 144 -0.93 8.07 -17.31
C PHE B 144 -1.39 8.93 -18.49
N GLU B 145 -2.02 8.28 -19.47
CA GLU B 145 -2.57 9.09 -20.57
C GLU B 145 -3.79 9.87 -20.17
N ALA B 146 -4.65 9.29 -19.37
CA ALA B 146 -5.74 10.02 -18.84
C ALA B 146 -5.24 11.16 -17.95
N MET B 147 -4.27 10.85 -17.04
CA MET B 147 -3.75 11.93 -16.24
C MET B 147 -3.25 13.13 -17.05
N ARG B 148 -2.46 12.85 -18.08
CA ARG B 148 -1.92 13.90 -18.95
C ARG B 148 -3.08 14.74 -19.59
N THR B 149 -4.15 14.07 -20.06
CA THR B 149 -5.36 14.79 -20.58
C THR B 149 -6.01 15.67 -19.55
N TYR B 150 -6.24 15.14 -18.33
CA TYR B 150 -6.81 15.96 -17.30
C TYR B 150 -5.99 17.19 -17.10
N LEU B 151 -4.66 17.04 -16.94
CA LEU B 151 -3.83 18.17 -16.58
C LEU B 151 -3.71 19.20 -17.68
N GLN B 152 -3.69 18.66 -18.93
CA GLN B 152 -3.65 19.57 -20.10
C GLN B 152 -4.94 20.43 -20.14
N GLN B 153 -6.04 19.78 -19.99
CA GLN B 153 -7.34 20.49 -20.00
C GLN B 153 -7.57 21.48 -18.85
N VAL B 154 -7.18 21.07 -17.64
CA VAL B 154 -7.35 21.92 -16.48
C VAL B 154 -6.40 23.05 -16.58
N SER B 155 -5.13 22.80 -16.95
CA SER B 155 -4.20 23.85 -17.13
C SER B 155 -4.72 24.98 -18.09
N LEU B 156 -5.24 24.52 -19.22
CA LEU B 156 -5.75 25.48 -20.25
C LEU B 156 -6.91 26.27 -19.71
N ALA B 157 -7.82 25.57 -19.08
CA ALA B 157 -9.09 26.18 -18.58
C ALA B 157 -8.90 27.10 -17.43
N TYR B 158 -7.93 26.74 -16.54
CA TYR B 158 -7.71 27.47 -15.31
C TYR B 158 -6.70 28.62 -15.49
N GLY B 159 -5.54 28.28 -16.05
CA GLY B 159 -4.56 29.27 -16.36
C GLY B 159 -3.75 29.83 -15.25
N LEU B 160 -3.91 29.30 -14.03
CA LEU B 160 -3.29 29.84 -12.82
C LEU B 160 -2.53 28.63 -12.09
N PRO B 161 -1.61 28.93 -11.22
CA PRO B 161 -0.93 27.88 -10.43
C PRO B 161 -2.00 27.08 -9.63
N PHE B 162 -1.76 25.78 -9.62
CA PHE B 162 -2.64 24.83 -8.93
C PHE B 162 -1.79 23.66 -8.43
N GLY B 163 -2.45 22.77 -7.69
CA GLY B 163 -1.82 21.51 -7.23
C GLY B 163 -2.65 20.36 -7.53
N VAL B 164 -2.04 19.22 -7.36
CA VAL B 164 -2.66 17.93 -7.62
C VAL B 164 -2.53 16.94 -6.44
N LYS B 165 -3.62 16.34 -6.05
CA LYS B 165 -3.64 15.29 -5.02
C LYS B 165 -3.48 13.92 -5.72
N MET B 166 -2.40 13.22 -5.33
CA MET B 166 -1.95 11.97 -5.94
C MET B 166 -2.27 10.78 -5.05
N PRO B 167 -2.69 9.64 -5.63
CA PRO B 167 -2.63 8.37 -4.92
C PRO B 167 -1.23 7.93 -4.79
N PRO B 168 -0.98 6.98 -3.85
CA PRO B 168 0.35 6.42 -3.72
C PRO B 168 0.75 5.53 -4.91
N TYR B 169 1.99 5.53 -5.24
CA TYR B 169 2.61 4.53 -6.12
C TYR B 169 3.57 3.68 -5.41
N PHE B 170 3.84 2.51 -5.94
CA PHE B 170 4.58 1.43 -5.30
C PHE B 170 5.67 0.83 -6.13
N ASP B 171 5.99 1.53 -7.19
CA ASP B 171 6.92 1.01 -8.18
C ASP B 171 7.75 2.19 -8.73
N ILE B 172 9.05 2.00 -8.83
CA ILE B 172 9.97 3.07 -9.19
C ILE B 172 9.74 3.58 -10.60
N ALA B 173 9.43 2.65 -11.51
CA ALA B 173 9.07 3.05 -12.85
C ALA B 173 7.85 3.95 -12.86
N HIS B 174 6.88 3.62 -12.02
CA HIS B 174 5.71 4.45 -11.88
C HIS B 174 6.01 5.85 -11.34
N PHE B 175 6.90 5.95 -10.38
CA PHE B 175 7.32 7.25 -9.89
C PHE B 175 7.93 8.06 -11.05
N ASP B 176 8.76 7.41 -11.83
CA ASP B 176 9.43 8.10 -12.93
C ASP B 176 8.38 8.60 -13.98
N THR B 177 7.44 7.74 -14.34
CA THR B 177 6.44 8.12 -15.31
C THR B 177 5.49 9.19 -14.79
N ALA B 178 5.03 9.06 -13.55
CA ALA B 178 4.13 10.05 -12.98
C ALA B 178 4.75 11.42 -12.86
N ALA B 179 5.99 11.46 -12.37
CA ALA B 179 6.66 12.74 -12.20
C ALA B 179 6.93 13.38 -13.56
N ALA B 180 7.28 12.56 -14.53
CA ALA B 180 7.49 13.11 -15.87
C ALA B 180 6.21 13.68 -16.41
N VAL B 181 5.07 13.08 -16.22
CA VAL B 181 3.74 13.70 -16.58
C VAL B 181 3.62 15.03 -15.89
N LEU B 182 3.75 15.06 -14.56
CA LEU B 182 3.52 16.28 -13.84
C LEU B 182 4.44 17.42 -14.25
N ASN B 183 5.69 17.09 -14.51
CA ASN B 183 6.68 18.05 -14.94
C ASN B 183 6.40 18.66 -16.35
N GLU B 184 5.49 18.10 -17.10
CA GLU B 184 5.06 18.69 -18.38
C GLU B 184 4.21 19.94 -18.15
N PHE B 185 3.71 20.09 -16.93
CA PHE B 185 2.78 21.16 -16.56
C PHE B 185 3.35 22.15 -15.56
N PRO B 186 3.76 23.30 -16.22
CA PRO B 186 4.37 24.32 -15.37
C PRO B 186 3.40 24.96 -14.36
N LEU B 187 2.12 24.91 -14.64
CA LEU B 187 1.15 25.48 -13.69
C LEU B 187 0.89 24.56 -12.49
N VAL B 188 1.34 23.32 -12.56
CA VAL B 188 1.23 22.42 -11.35
C VAL B 188 2.34 22.84 -10.47
N LYS B 189 2.09 23.56 -9.41
CA LYS B 189 3.06 24.13 -8.55
C LYS B 189 3.24 23.31 -7.23
N PHE B 190 2.26 22.48 -6.92
CA PHE B 190 2.39 21.56 -5.79
C PHE B 190 1.74 20.28 -6.10
N VAL B 191 2.32 19.24 -5.43
CA VAL B 191 1.89 17.86 -5.53
C VAL B 191 1.61 17.39 -4.09
N THR B 192 0.46 16.88 -3.86
CA THR B 192 0.12 16.39 -2.50
C THR B 192 0.14 14.85 -2.55
N CYS B 193 1.10 14.33 -1.77
CA CYS B 193 1.34 12.87 -1.62
C CYS B 193 1.15 12.49 -0.16
N VAL B 194 0.14 11.68 0.17
CA VAL B 194 -0.69 10.87 -0.70
C VAL B 194 -2.19 10.88 -0.25
N ASN B 195 -3.01 10.47 -1.18
CA ASN B 195 -4.35 9.98 -0.93
C ASN B 195 -4.26 8.61 -0.21
N SER B 196 -5.42 8.11 0.13
CA SER B 196 -5.51 6.87 0.84
C SER B 196 -4.93 5.69 0.04
N VAL B 197 -4.39 4.73 0.75
CA VAL B 197 -3.90 3.51 0.09
C VAL B 197 -5.16 2.71 -0.31
N GLY B 198 -5.34 2.53 -1.60
CA GLY B 198 -6.61 2.11 -2.10
C GLY B 198 -6.94 0.67 -1.79
N ASN B 199 -8.23 0.53 -1.58
CA ASN B 199 -8.89 -0.76 -1.57
C ASN B 199 -8.24 -1.79 -0.64
N GLY B 200 -8.05 -1.36 0.60
CA GLY B 200 -7.81 -2.28 1.65
C GLY B 200 -9.08 -2.92 2.21
N LEU B 201 -8.99 -3.84 3.15
CA LEU B 201 -10.16 -4.55 3.71
C LEU B 201 -9.88 -4.83 5.11
N VAL B 202 -10.72 -4.24 5.99
CA VAL B 202 -10.66 -4.50 7.45
C VAL B 202 -11.80 -5.49 7.79
N ILE B 203 -11.48 -6.52 8.55
CA ILE B 203 -12.41 -7.54 8.97
C ILE B 203 -12.39 -7.60 10.51
N ASP B 204 -13.57 -7.65 11.11
CA ASP B 204 -13.73 -7.85 12.55
C ASP B 204 -13.82 -9.32 12.90
N ALA B 205 -12.89 -9.76 13.71
CA ALA B 205 -12.84 -11.18 14.08
C ALA B 205 -14.08 -11.68 14.83
N GLU B 206 -14.60 -10.92 15.77
CA GLU B 206 -15.75 -11.38 16.52
C GLU B 206 -17.01 -11.56 15.68
N SER B 207 -17.32 -10.56 14.87
CA SER B 207 -18.49 -10.63 14.05
C SER B 207 -18.27 -11.36 12.71
N GLU B 208 -17.00 -11.57 12.37
CA GLU B 208 -16.63 -12.23 11.10
C GLU B 208 -17.09 -11.43 9.90
N SER B 209 -17.14 -10.12 10.05
CA SER B 209 -17.73 -9.20 9.09
C SER B 209 -16.77 -8.09 8.74
N VAL B 210 -16.85 -7.66 7.50
CA VAL B 210 -16.27 -6.39 7.11
C VAL B 210 -16.89 -5.28 7.93
N VAL B 211 -16.23 -4.09 8.00
CA VAL B 211 -16.65 -3.01 8.88
C VAL B 211 -17.25 -1.82 8.21
N ILE B 212 -17.16 -1.71 6.92
CA ILE B 212 -17.91 -0.74 6.14
C ILE B 212 -18.81 -1.39 5.10
N LYS B 213 -19.95 -0.74 4.84
CA LYS B 213 -20.99 -1.27 4.01
C LYS B 213 -20.70 -1.18 2.54
N PRO B 214 -20.23 -0.05 1.95
CA PRO B 214 -20.01 -0.01 0.54
C PRO B 214 -18.94 -0.98 0.06
N LYS B 215 -19.00 -1.32 -1.22
CA LYS B 215 -17.89 -2.05 -1.88
C LYS B 215 -17.50 -3.33 -1.19
N GLN B 216 -18.44 -4.04 -0.59
CA GLN B 216 -18.17 -5.27 0.09
C GLN B 216 -17.05 -5.18 1.16
N GLY B 217 -16.94 -3.98 1.75
CA GLY B 217 -16.01 -3.70 2.84
C GLY B 217 -14.70 -3.09 2.40
N PHE B 218 -14.46 -3.02 1.12
CA PHE B 218 -13.14 -2.48 0.60
C PHE B 218 -13.16 -0.96 0.69
N GLY B 219 -12.05 -0.32 1.06
CA GLY B 219 -12.01 1.10 1.14
C GLY B 219 -10.58 1.56 1.30
N GLY B 220 -10.37 2.88 1.21
CA GLY B 220 -9.02 3.46 1.29
C GLY B 220 -8.57 3.50 2.71
N LEU B 221 -7.30 3.20 2.90
CA LEU B 221 -6.61 3.17 4.17
C LEU B 221 -5.87 4.49 4.44
N GLY B 222 -6.03 4.94 5.66
CA GLY B 222 -5.26 6.06 6.19
C GLY B 222 -4.64 5.72 7.53
N GLY B 223 -3.82 6.63 8.07
CA GLY B 223 -3.27 6.51 9.38
C GLY B 223 -1.96 5.78 9.51
N LYS B 224 -1.75 5.08 10.66
CA LYS B 224 -0.43 4.52 10.85
C LYS B 224 0.00 3.52 9.81
N TYR B 225 -0.97 2.77 9.23
CA TYR B 225 -0.69 1.81 8.23
C TYR B 225 0.18 2.39 7.12
N ILE B 226 -0.04 3.68 6.78
CA ILE B 226 0.41 4.22 5.52
C ILE B 226 1.60 5.21 5.61
N LEU B 227 2.14 5.40 6.82
CA LEU B 227 3.24 6.44 6.93
C LEU B 227 4.45 6.12 6.07
N PRO B 228 5.00 4.87 6.04
CA PRO B 228 6.18 4.68 5.20
C PRO B 228 5.88 4.83 3.68
N THR B 229 4.65 4.44 3.29
CA THR B 229 4.23 4.62 1.90
C THR B 229 4.19 6.13 1.57
N ALA B 230 3.56 6.88 2.48
CA ALA B 230 3.45 8.34 2.29
C ALA B 230 4.81 9.01 2.20
N LEU B 231 5.75 8.66 3.12
CA LEU B 231 7.09 9.22 3.11
C LEU B 231 7.80 8.94 1.80
N ALA B 232 7.64 7.69 1.33
CA ALA B 232 8.25 7.25 0.09
C ALA B 232 7.76 8.11 -1.10
N ASN B 233 6.48 8.34 -1.17
CA ASN B 233 5.91 9.11 -2.22
C ASN B 233 6.35 10.61 -2.14
N VAL B 234 6.31 11.14 -0.93
CA VAL B 234 6.77 12.51 -0.71
C VAL B 234 8.21 12.62 -1.26
N ASN B 235 9.09 11.73 -0.84
CA ASN B 235 10.49 11.86 -1.21
C ASN B 235 10.68 11.61 -2.67
N ALA B 236 9.95 10.63 -3.25
CA ALA B 236 10.16 10.32 -4.63
C ALA B 236 9.81 11.49 -5.50
N PHE B 237 8.70 12.14 -5.21
CA PHE B 237 8.29 13.32 -6.02
C PHE B 237 9.13 14.54 -5.66
N TYR B 238 9.59 14.70 -4.42
CA TYR B 238 10.51 15.77 -4.04
C TYR B 238 11.74 15.68 -4.89
N ARG B 239 12.29 14.51 -5.03
CA ARG B 239 13.52 14.28 -5.83
C ARG B 239 13.25 14.58 -7.32
N ARG B 240 12.12 14.20 -7.82
CA ARG B 240 11.79 14.18 -9.29
C ARG B 240 11.24 15.48 -9.73
N CYS B 241 10.72 16.30 -8.85
CA CYS B 241 9.98 17.55 -9.26
C CYS B 241 10.66 18.70 -8.55
N PRO B 242 11.90 19.05 -8.87
CA PRO B 242 12.62 20.15 -8.22
C PRO B 242 12.02 21.51 -8.36
N ASP B 243 11.20 21.75 -9.34
CA ASP B 243 10.51 23.04 -9.55
C ASP B 243 9.12 23.14 -9.00
N LYS B 244 8.69 22.14 -8.22
CA LYS B 244 7.39 22.07 -7.60
C LYS B 244 7.59 21.99 -6.07
N LEU B 245 6.56 22.30 -5.34
CA LEU B 245 6.47 21.96 -3.95
C LEU B 245 5.79 20.61 -3.78
N VAL B 246 6.13 19.92 -2.69
CA VAL B 246 5.45 18.71 -2.29
C VAL B 246 4.77 18.91 -0.93
N PHE B 247 3.51 18.55 -0.86
CA PHE B 247 2.76 18.59 0.38
C PHE B 247 2.61 17.15 0.83
N GLY B 248 2.93 16.90 2.10
CA GLY B 248 2.86 15.57 2.66
C GLY B 248 1.53 15.34 3.34
N CYS B 249 1.01 14.16 3.06
CA CYS B 249 -0.17 13.63 3.68
C CYS B 249 -0.05 12.11 3.91
N GLY B 250 -0.35 11.67 5.10
CA GLY B 250 -0.45 10.22 5.35
C GLY B 250 0.26 9.87 6.63
N GLY B 251 -0.50 9.39 7.60
CA GLY B 251 0.10 8.82 8.80
C GLY B 251 0.60 9.82 9.78
N VAL B 252 0.17 11.09 9.72
CA VAL B 252 0.68 12.06 10.70
C VAL B 252 -0.22 12.04 11.94
N TYR B 253 0.38 11.65 13.07
CA TYR B 253 -0.24 11.70 14.39
C TYR B 253 0.54 12.52 15.37
N SER B 254 1.71 12.96 15.10
CA SER B 254 2.61 13.61 16.06
C SER B 254 3.51 14.54 15.30
N GLY B 255 4.14 15.48 16.02
CA GLY B 255 5.18 16.33 15.51
C GLY B 255 6.35 15.52 14.96
N GLU B 256 6.70 14.42 15.51
CA GLU B 256 7.72 13.59 14.98
C GLU B 256 7.35 13.07 13.58
N ASP B 257 6.11 12.66 13.41
CA ASP B 257 5.69 12.17 12.08
C ASP B 257 5.74 13.32 11.06
N ALA B 258 5.32 14.52 11.47
CA ALA B 258 5.45 15.73 10.62
C ALA B 258 6.91 16.04 10.25
N PHE B 259 7.79 15.93 11.28
CA PHE B 259 9.22 16.09 11.05
C PHE B 259 9.76 15.15 9.97
N LEU B 260 9.30 13.90 10.01
CA LEU B 260 9.73 12.92 9.03
C LEU B 260 9.25 13.30 7.59
N HIS B 261 7.96 13.76 7.49
CA HIS B 261 7.44 14.23 6.25
C HIS B 261 8.29 15.41 5.68
N ILE B 262 8.62 16.35 6.58
CA ILE B 262 9.39 17.50 6.16
C ILE B 262 10.83 17.08 5.75
N LEU B 263 11.47 16.19 6.50
CA LEU B 263 12.74 15.63 6.10
C LEU B 263 12.69 15.00 4.73
N ALA B 264 11.54 14.35 4.40
CA ALA B 264 11.41 13.70 3.11
C ALA B 264 11.17 14.67 1.98
N GLY B 265 10.80 15.92 2.31
CA GLY B 265 10.55 16.97 1.34
C GLY B 265 9.28 17.77 1.50
N ALA B 266 8.44 17.50 2.43
CA ALA B 266 7.14 18.21 2.53
C ALA B 266 7.28 19.70 2.88
N SER B 267 6.48 20.51 2.21
CA SER B 267 6.33 21.93 2.53
C SER B 267 5.16 22.10 3.41
N MET B 268 3.94 21.75 3.11
CA MET B 268 2.81 21.63 4.03
C MET B 268 2.67 20.16 4.42
N VAL B 269 2.05 19.96 5.55
CA VAL B 269 1.79 18.62 6.15
C VAL B 269 0.32 18.59 6.47
N GLN B 270 -0.38 17.66 5.84
CA GLN B 270 -1.82 17.49 5.98
C GLN B 270 -2.15 16.32 6.96
N VAL B 271 -3.25 16.46 7.64
CA VAL B 271 -3.63 15.52 8.70
C VAL B 271 -5.05 15.10 8.45
N GLY B 272 -5.26 13.75 8.22
CA GLY B 272 -6.52 13.16 7.94
C GLY B 272 -7.08 12.40 9.11
N THR B 273 -6.77 11.10 9.09
CA THR B 273 -7.26 10.16 10.15
C THR B 273 -7.08 10.72 11.55
N ALA B 274 -5.86 11.18 11.86
CA ALA B 274 -5.62 11.59 13.22
C ALA B 274 -6.48 12.81 13.61
N LEU B 275 -6.77 13.67 12.68
CA LEU B 275 -7.66 14.83 12.85
C LEU B 275 -9.11 14.40 13.02
N GLN B 276 -9.53 13.42 12.22
CA GLN B 276 -10.85 12.85 12.36
C GLN B 276 -11.05 12.23 13.75
N GLU B 277 -10.03 11.60 14.28
CA GLU B 277 -10.15 10.92 15.55
C GLU B 277 -9.98 11.85 16.75
N GLU B 278 -9.02 12.80 16.68
CA GLU B 278 -8.70 13.67 17.85
C GLU B 278 -9.42 15.01 17.83
N GLY B 279 -9.82 15.50 16.70
CA GLY B 279 -10.41 16.80 16.55
C GLY B 279 -9.33 17.88 16.35
N PRO B 280 -9.78 19.13 16.20
CA PRO B 280 -8.91 20.20 15.76
C PRO B 280 -7.93 20.71 16.82
N GLY B 281 -8.14 20.30 18.06
CA GLY B 281 -7.08 20.48 19.09
C GLY B 281 -5.77 19.89 18.67
N ILE B 282 -5.77 18.87 17.79
CA ILE B 282 -4.58 18.24 17.39
C ILE B 282 -3.55 19.24 16.87
N PHE B 283 -3.97 20.35 16.22
CA PHE B 283 -3.01 21.27 15.58
C PHE B 283 -2.15 21.96 16.62
N THR B 284 -2.60 22.28 17.80
CA THR B 284 -1.75 22.91 18.75
C THR B 284 -0.71 21.93 19.24
N ARG B 285 -1.07 20.65 19.46
CA ARG B 285 -0.18 19.59 19.86
C ARG B 285 0.86 19.30 18.80
N LEU B 286 0.48 19.21 17.56
CA LEU B 286 1.47 18.99 16.51
C LEU B 286 2.52 20.12 16.39
N GLU B 287 2.06 21.34 16.49
CA GLU B 287 2.96 22.47 16.47
C GLU B 287 3.94 22.43 17.63
N ASP B 288 3.45 22.22 18.82
CA ASP B 288 4.31 22.16 19.99
C ASP B 288 5.33 21.04 19.87
N GLU B 289 4.88 19.89 19.42
CA GLU B 289 5.76 18.76 19.28
C GLU B 289 6.84 18.99 18.20
N LEU B 290 6.48 19.58 17.09
CA LEU B 290 7.43 19.88 16.04
C LEU B 290 8.45 20.91 16.50
N LEU B 291 7.99 21.93 17.18
CA LEU B 291 8.93 22.95 17.72
C LEU B 291 9.80 22.29 18.73
N GLU B 292 9.39 21.37 19.58
CA GLU B 292 10.24 20.74 20.56
C GLU B 292 11.28 19.90 19.88
N ILE B 293 11.01 19.11 18.87
CA ILE B 293 12.01 18.33 18.18
C ILE B 293 12.99 19.28 17.48
N MET B 294 12.56 20.35 16.89
CA MET B 294 13.47 21.31 16.28
C MET B 294 14.42 21.90 17.32
N ALA B 295 13.90 22.27 18.44
CA ALA B 295 14.74 22.90 19.48
C ALA B 295 15.80 21.93 19.99
N ARG B 296 15.42 20.68 20.17
CA ARG B 296 16.31 19.65 20.65
C ARG B 296 17.45 19.44 19.67
N LYS B 297 17.16 19.54 18.40
CA LYS B 297 18.09 19.39 17.31
C LYS B 297 18.88 20.66 16.90
N GLY B 298 18.49 21.80 17.41
CA GLY B 298 19.08 23.04 17.00
C GLY B 298 18.59 23.69 15.72
N TYR B 299 17.45 23.24 15.20
CA TYR B 299 16.93 23.80 13.98
C TYR B 299 16.04 25.00 14.31
N ARG B 300 16.30 26.11 13.65
CA ARG B 300 15.51 27.30 13.79
C ARG B 300 14.43 27.49 12.72
N THR B 301 14.55 26.80 11.58
CA THR B 301 13.68 26.98 10.44
C THR B 301 13.37 25.60 9.87
N LEU B 302 12.25 25.50 9.19
CA LEU B 302 11.92 24.32 8.40
C LEU B 302 12.85 24.13 7.22
N GLU B 303 13.28 25.24 6.58
CA GLU B 303 14.15 25.10 5.48
C GLU B 303 15.52 24.46 5.82
N GLU B 304 15.97 24.53 7.03
CA GLU B 304 17.20 23.95 7.41
C GLU B 304 17.22 22.42 7.22
N PHE B 305 16.04 21.80 7.32
CA PHE B 305 15.99 20.33 7.20
C PHE B 305 15.02 19.81 6.16
N ARG B 306 14.26 20.62 5.45
CA ARG B 306 13.31 20.09 4.50
C ARG B 306 14.07 19.41 3.40
N GLY B 307 13.69 18.13 3.11
CA GLY B 307 14.33 17.38 2.09
C GLY B 307 15.69 16.81 2.42
N ARG B 308 16.09 17.02 3.62
CA ARG B 308 17.46 16.64 4.00
C ARG B 308 17.65 15.29 4.61
N VAL B 309 16.67 14.41 4.39
CA VAL B 309 16.80 13.03 4.86
C VAL B 309 18.13 12.49 4.28
N LYS B 310 18.85 11.82 5.14
CA LYS B 310 20.15 11.25 4.81
C LYS B 310 20.01 9.83 4.23
N THR B 311 20.78 9.47 3.27
CA THR B 311 20.90 8.06 2.75
C THR B 311 22.18 7.47 3.30
N ILE B 312 22.31 6.16 3.24
CA ILE B 312 23.50 5.45 3.70
C ILE B 312 24.43 5.17 2.52
N GLU B 313 25.71 5.65 2.68
CA GLU B 313 26.68 5.80 1.55
C GLU B 313 26.20 6.73 0.39
#